data_4JPD
#
_entry.id   4JPD
#
_cell.length_a   96.020
_cell.length_b   96.020
_cell.length_c   96.020
_cell.angle_alpha   90.000
_cell.angle_beta   90.000
_cell.angle_gamma   90.000
#
_symmetry.space_group_name_H-M   'P 43 3 2'
#
loop_
_entity.id
_entity.type
_entity.pdbx_description
1 polymer 'Protein CyaY'
2 non-polymer 'ACETATE ION'
3 non-polymer 'SODIUM ION'
4 non-polymer 'SULFATE ION'
5 water water
#
_entity_poly.entity_id   1
_entity_poly.type   'polypeptide(L)'
_entity_poly.pdbx_seq_one_letter_code
;GPGSMSDTEYLARAEAVLAAVERTVDVANDGDHDIDLERNGSVLTLTFENGSKIIVNLQPPMKEVWIAAKAGGFHYRFID
GEWRDTRTGTEFFSALTDYATQQAGLPITFSA
;
_entity_poly.pdbx_strand_id   A
#
loop_
_chem_comp.id
_chem_comp.type
_chem_comp.name
_chem_comp.formula
ACT non-polymer 'ACETATE ION' 'C2 H3 O2 -1'
NA non-polymer 'SODIUM ION' 'Na 1'
SO4 non-polymer 'SULFATE ION' 'O4 S -2'
#
# COMPACT_ATOMS: atom_id res chain seq x y z
N SER A 4 -6.09 13.87 -18.55
CA SER A 4 -5.10 13.97 -19.67
C SER A 4 -5.03 12.63 -20.46
N MET A 5 -3.82 12.15 -20.74
CA MET A 5 -3.61 10.85 -21.35
C MET A 5 -3.13 9.89 -20.27
N SER A 6 -3.61 8.64 -20.31
CA SER A 6 -3.13 7.60 -19.37
C SER A 6 -1.63 7.38 -19.55
N ASP A 7 -0.91 7.37 -18.44
CA ASP A 7 0.50 7.08 -18.43
C ASP A 7 0.68 5.62 -18.01
N THR A 8 0.86 4.76 -18.99
CA THR A 8 0.91 3.32 -18.76
C THR A 8 2.20 2.88 -18.09
N GLU A 9 3.27 3.69 -18.17
CA GLU A 9 4.51 3.34 -17.49
C GLU A 9 4.33 3.54 -15.99
N TYR A 10 3.73 4.67 -15.62
CA TYR A 10 3.30 4.90 -14.24
C TYR A 10 2.30 3.85 -13.78
N LEU A 11 1.24 3.62 -14.55
CA LEU A 11 0.22 2.67 -14.12
C LEU A 11 0.76 1.26 -13.90
N ALA A 12 1.64 0.80 -14.77
CA ALA A 12 2.22 -0.53 -14.58
C ALA A 12 2.98 -0.66 -13.25
N ARG A 13 3.77 0.34 -12.90
CA ARG A 13 4.49 0.36 -11.62
C ARG A 13 3.56 0.49 -10.43
N ALA A 14 2.61 1.41 -10.49
CA ALA A 14 1.70 1.66 -9.38
C ALA A 14 0.75 0.46 -9.13
N GLU A 15 0.21 -0.10 -10.20
CA GLU A 15 -0.64 -1.30 -10.11
C GLU A 15 0.14 -2.48 -9.51
N ALA A 16 1.41 -2.61 -9.87
CA ALA A 16 2.27 -3.65 -9.30
C ALA A 16 2.43 -3.51 -7.77
N VAL A 17 2.43 -2.29 -7.25
CA VAL A 17 2.41 -2.08 -5.78
C VAL A 17 1.12 -2.65 -5.16
N LEU A 18 -0.03 -2.27 -5.70
CA LEU A 18 -1.30 -2.78 -5.20
CA LEU A 18 -1.28 -2.78 -5.16
C LEU A 18 -1.29 -4.30 -5.20
N ALA A 19 -0.81 -4.88 -6.30
CA ALA A 19 -0.83 -6.34 -6.44
C ALA A 19 0.09 -7.01 -5.41
N ALA A 20 1.30 -6.48 -5.21
CA ALA A 20 2.23 -6.98 -4.19
C ALA A 20 1.64 -6.93 -2.78
N VAL A 21 0.99 -5.80 -2.46
CA VAL A 21 0.34 -5.67 -1.16
C VAL A 21 -0.74 -6.74 -0.99
N GLU A 22 -1.56 -6.94 -2.01
CA GLU A 22 -2.63 -7.93 -1.94
C GLU A 22 -2.07 -9.35 -1.74
N ARG A 23 -1.01 -9.70 -2.47
CA ARG A 23 -0.41 -11.05 -2.32
C ARG A 23 0.10 -11.29 -0.90
N THR A 24 0.77 -10.30 -0.32
CA THR A 24 1.26 -10.44 1.04
C THR A 24 0.12 -10.65 2.00
N VAL A 25 -0.97 -9.90 1.83
CA VAL A 25 -2.15 -10.07 2.71
C VAL A 25 -2.76 -11.45 2.55
N ASP A 26 -2.82 -11.95 1.30
CA ASP A 26 -3.32 -13.29 1.03
C ASP A 26 -2.52 -14.34 1.83
N VAL A 27 -1.21 -14.17 1.83
CA VAL A 27 -0.34 -15.09 2.58
C VAL A 27 -0.60 -14.98 4.07
N ALA A 28 -0.67 -13.76 4.59
CA ALA A 28 -0.98 -13.54 6.00
C ALA A 28 -2.32 -14.21 6.36
N ASN A 29 -3.29 -14.12 5.47
CA ASN A 29 -4.60 -14.72 5.69
C ASN A 29 -4.60 -16.25 5.64
N ASP A 30 -3.64 -16.86 4.96
CA ASP A 30 -3.45 -18.31 5.04
C ASP A 30 -3.05 -18.78 6.44
N GLY A 31 -2.45 -17.89 7.22
CA GLY A 31 -1.93 -18.20 8.56
C GLY A 31 -2.82 -17.65 9.66
N ASP A 32 -2.21 -16.93 10.61
CA ASP A 32 -2.90 -16.48 11.82
C ASP A 32 -3.80 -15.24 11.59
N HIS A 33 -3.68 -14.58 10.44
CA HIS A 33 -4.42 -13.33 10.20
C HIS A 33 -5.83 -13.55 9.64
N ASP A 34 -6.68 -12.55 9.88
CA ASP A 34 -7.97 -12.44 9.23
C ASP A 34 -8.16 -10.96 8.87
N ILE A 35 -7.55 -10.55 7.76
CA ILE A 35 -7.66 -9.19 7.24
C ILE A 35 -8.62 -9.24 6.06
N ASP A 36 -9.67 -8.43 6.10
CA ASP A 36 -10.58 -8.35 4.97
C ASP A 36 -9.93 -7.51 3.88
N LEU A 37 -9.91 -8.03 2.66
CA LEU A 37 -9.28 -7.31 1.55
C LEU A 37 -10.32 -7.05 0.44
N GLU A 38 -10.39 -5.81 -0.04
CA GLU A 38 -11.24 -5.46 -1.18
C GLU A 38 -10.41 -4.67 -2.19
N ARG A 39 -10.43 -5.09 -3.43
CA ARG A 39 -9.79 -4.37 -4.53
C ARG A 39 -10.90 -3.91 -5.44
N ASN A 40 -11.04 -2.61 -5.56
CA ASN A 40 -12.07 -2.01 -6.41
CA ASN A 40 -12.05 -2.02 -6.42
C ASN A 40 -11.43 -0.87 -7.19
N GLY A 41 -11.42 -0.99 -8.51
CA GLY A 41 -10.72 -0.02 -9.36
C GLY A 41 -9.27 0.01 -8.95
N SER A 42 -8.76 1.21 -8.66
CA SER A 42 -7.35 1.37 -8.23
CA SER A 42 -7.36 1.41 -8.23
C SER A 42 -7.24 1.59 -6.72
N VAL A 43 -8.18 1.01 -5.98
CA VAL A 43 -8.23 1.16 -4.52
C VAL A 43 -8.23 -0.20 -3.84
N LEU A 44 -7.25 -0.38 -2.95
CA LEU A 44 -7.15 -1.59 -2.16
C LEU A 44 -7.47 -1.24 -0.71
N THR A 45 -8.54 -1.84 -0.16
CA THR A 45 -8.97 -1.58 1.22
C THR A 45 -8.73 -2.80 2.11
N LEU A 46 -7.94 -2.61 3.16
CA LEU A 46 -7.67 -3.65 4.13
C LEU A 46 -8.41 -3.31 5.42
N THR A 47 -9.20 -4.27 5.92
CA THR A 47 -9.93 -4.07 7.20
C THR A 47 -9.45 -5.11 8.18
N PHE A 48 -8.82 -4.64 9.24
CA PHE A 48 -8.22 -5.52 10.25
C PHE A 48 -9.27 -6.05 11.21
N GLU A 49 -8.89 -7.06 12.00
CA GLU A 49 -9.82 -7.72 12.94
C GLU A 49 -10.42 -6.75 13.96
N ASN A 50 -9.64 -5.74 14.36
CA ASN A 50 -10.12 -4.70 15.27
C ASN A 50 -10.96 -3.63 14.63
N GLY A 51 -11.22 -3.77 13.34
CA GLY A 51 -12.13 -2.86 12.63
C GLY A 51 -11.42 -1.71 11.96
N SER A 52 -10.13 -1.51 12.26
CA SER A 52 -9.36 -0.42 11.67
C SER A 52 -9.05 -0.72 10.22
N LYS A 53 -8.61 0.30 9.50
CA LYS A 53 -8.45 0.20 8.04
C LYS A 53 -7.14 0.76 7.56
N ILE A 54 -6.69 0.21 6.45
CA ILE A 54 -5.64 0.81 5.65
C ILE A 54 -6.12 0.74 4.21
N ILE A 55 -5.97 1.85 3.50
CA ILE A 55 -6.26 1.91 2.08
C ILE A 55 -4.97 2.28 1.37
N VAL A 56 -4.68 1.51 0.31
CA VAL A 56 -3.63 1.82 -0.62
C VAL A 56 -4.30 2.13 -1.95
N ASN A 57 -4.03 3.29 -2.53
CA ASN A 57 -4.64 3.67 -3.78
C ASN A 57 -3.73 4.49 -4.69
N LEU A 58 -4.17 4.63 -5.94
CA LEU A 58 -3.45 5.45 -6.92
C LEU A 58 -3.92 6.89 -6.94
N GLN A 59 -2.96 7.80 -7.13
CA GLN A 59 -3.20 9.20 -7.43
C GLN A 59 -2.52 9.55 -8.77
N PRO A 60 -3.20 9.24 -9.90
CA PRO A 60 -2.54 9.43 -11.18
C PRO A 60 -2.10 10.87 -11.51
N PRO A 61 -2.84 11.89 -11.05
CA PRO A 61 -2.45 13.26 -11.43
C PRO A 61 -1.00 13.61 -11.04
N MET A 62 -0.48 13.03 -9.96
CA MET A 62 0.93 13.24 -9.56
C MET A 62 1.78 11.97 -9.68
N LYS A 63 1.24 10.97 -10.36
CA LYS A 63 1.91 9.70 -10.54
C LYS A 63 2.34 9.12 -9.18
N GLU A 64 1.40 9.16 -8.23
CA GLU A 64 1.65 8.71 -6.85
C GLU A 64 0.84 7.48 -6.46
N VAL A 65 1.30 6.84 -5.40
CA VAL A 65 0.57 5.80 -4.67
C VAL A 65 0.42 6.37 -3.26
N TRP A 66 -0.77 6.25 -2.69
CA TRP A 66 -1.07 6.79 -1.38
C TRP A 66 -1.41 5.70 -0.38
N ILE A 67 -1.08 5.96 0.88
CA ILE A 67 -1.61 5.20 2.03
C ILE A 67 -2.49 6.08 2.89
N ALA A 68 -3.64 5.53 3.30
CA ALA A 68 -4.42 6.08 4.39
C ALA A 68 -4.50 5.02 5.49
N ALA A 69 -3.98 5.36 6.67
CA ALA A 69 -3.88 4.40 7.78
C ALA A 69 -4.21 5.13 9.06
N LYS A 70 -4.19 4.40 10.17
CA LYS A 70 -4.44 5.02 11.46
C LYS A 70 -3.42 6.13 11.74
N ALA A 71 -2.19 5.92 11.26
CA ALA A 71 -1.09 6.84 11.47
C ALA A 71 -1.22 8.12 10.67
N GLY A 72 -2.10 8.12 9.66
CA GLY A 72 -2.30 9.28 8.77
C GLY A 72 -2.36 8.95 7.27
N GLY A 73 -2.15 9.97 6.46
CA GLY A 73 -2.21 9.85 5.00
C GLY A 73 -0.85 10.23 4.46
N PHE A 74 -0.29 9.32 3.66
CA PHE A 74 1.08 9.42 3.18
C PHE A 74 1.06 9.26 1.66
N HIS A 75 1.90 10.03 0.98
CA HIS A 75 1.93 10.03 -0.46
C HIS A 75 3.32 9.61 -0.92
N TYR A 76 3.37 8.72 -1.92
CA TYR A 76 4.64 8.16 -2.43
C TYR A 76 4.79 8.41 -3.92
N ARG A 77 5.97 8.85 -4.31
CA ARG A 77 6.31 9.04 -5.70
C ARG A 77 7.50 8.11 -6.03
N PHE A 78 7.55 7.65 -7.28
CA PHE A 78 8.64 6.79 -7.73
C PHE A 78 9.78 7.68 -8.17
N ILE A 79 10.87 7.61 -7.39
CA ILE A 79 12.05 8.43 -7.61
CA ILE A 79 12.06 8.43 -7.60
C ILE A 79 13.25 7.49 -7.53
N ASP A 80 14.07 7.49 -8.58
CA ASP A 80 15.32 6.76 -8.60
C ASP A 80 15.16 5.33 -8.08
N GLY A 81 14.22 4.64 -8.69
CA GLY A 81 14.10 3.22 -8.55
C GLY A 81 13.20 2.75 -7.46
N GLU A 82 12.56 3.65 -6.69
CA GLU A 82 11.67 3.19 -5.64
CA GLU A 82 11.71 3.21 -5.59
C GLU A 82 10.64 4.23 -5.22
N TRP A 83 9.62 3.75 -4.52
CA TRP A 83 8.52 4.57 -4.03
C TRP A 83 8.90 5.18 -2.68
N ARG A 84 8.89 6.49 -2.64
CA ARG A 84 9.35 7.24 -1.48
C ARG A 84 8.29 8.26 -1.03
N ASP A 85 8.11 8.36 0.28
CA ASP A 85 7.24 9.36 0.88
C ASP A 85 7.70 10.77 0.44
N THR A 86 6.75 11.54 -0.11
CA THR A 86 7.06 12.85 -0.70
C THR A 86 7.48 13.86 0.37
N ARG A 87 7.24 13.56 1.63
CA ARG A 87 7.65 14.45 2.70
C ARG A 87 8.88 14.01 3.47
N THR A 88 8.98 12.72 3.77
CA THR A 88 10.06 12.21 4.61
C THR A 88 11.08 11.34 3.88
N GLY A 89 10.75 10.88 2.68
CA GLY A 89 11.62 10.00 1.92
C GLY A 89 11.51 8.52 2.28
N THR A 90 10.74 8.18 3.31
CA THR A 90 10.54 6.79 3.75
C THR A 90 10.02 5.92 2.61
N GLU A 91 10.64 4.74 2.47
CA GLU A 91 10.28 3.83 1.37
C GLU A 91 8.95 3.14 1.68
N PHE A 92 8.15 2.94 0.63
CA PHE A 92 6.77 2.48 0.71
C PHE A 92 6.54 1.21 1.57
N PHE A 93 7.17 0.09 1.20
CA PHE A 93 6.88 -1.16 1.91
C PHE A 93 7.33 -1.10 3.38
N SER A 94 8.39 -0.36 3.68
CA SER A 94 8.82 -0.25 5.07
CA SER A 94 8.82 -0.21 5.07
C SER A 94 7.77 0.51 5.89
N ALA A 95 7.20 1.58 5.31
CA ALA A 95 6.16 2.34 5.98
C ALA A 95 4.90 1.49 6.14
N LEU A 96 4.49 0.81 5.08
CA LEU A 96 3.28 0.00 5.15
C LEU A 96 3.40 -1.12 6.20
N THR A 97 4.56 -1.76 6.26
CA THR A 97 4.84 -2.76 7.27
C THR A 97 4.61 -2.22 8.68
N ASP A 98 5.14 -1.03 8.92
CA ASP A 98 5.00 -0.36 10.20
CA ASP A 98 4.99 -0.38 10.22
C ASP A 98 3.52 -0.15 10.54
N TYR A 99 2.79 0.50 9.63
CA TYR A 99 1.36 0.79 9.84
C TYR A 99 0.46 -0.46 9.99
N ALA A 100 0.67 -1.45 9.13
CA ALA A 100 -0.12 -2.67 9.16
C ALA A 100 0.16 -3.50 10.42
N THR A 101 1.43 -3.60 10.81
CA THR A 101 1.79 -4.27 12.06
C THR A 101 1.14 -3.60 13.27
N GLN A 102 1.13 -2.26 13.30
CA GLN A 102 0.41 -1.52 14.36
C GLN A 102 -1.06 -1.95 14.45
N GLN A 103 -1.72 -2.02 13.30
CA GLN A 103 -3.15 -2.27 13.24
C GLN A 103 -3.57 -3.74 13.33
N ALA A 104 -2.73 -4.67 12.87
CA ALA A 104 -3.02 -6.12 12.99
C ALA A 104 -2.76 -6.66 14.39
N GLY A 105 -1.81 -6.06 15.09
CA GLY A 105 -1.38 -6.55 16.39
C GLY A 105 -0.57 -7.82 16.28
N LEU A 106 -0.13 -8.13 15.07
CA LEU A 106 0.67 -9.30 14.78
C LEU A 106 1.48 -8.88 13.56
N PRO A 107 2.77 -9.19 13.55
CA PRO A 107 3.60 -8.68 12.44
C PRO A 107 3.09 -9.09 11.08
N ILE A 108 3.02 -8.15 10.16
CA ILE A 108 2.84 -8.51 8.76
C ILE A 108 3.94 -7.81 7.97
N THR A 109 4.65 -8.60 7.20
CA THR A 109 5.89 -8.12 6.62
C THR A 109 5.71 -7.93 5.13
N PHE A 110 5.69 -6.66 4.70
CA PHE A 110 5.66 -6.36 3.27
C PHE A 110 7.09 -6.13 2.77
N SER A 111 7.40 -6.69 1.60
CA SER A 111 8.74 -6.60 1.04
C SER A 111 8.72 -6.64 -0.48
N ALA A 112 9.51 -5.80 -1.13
CA ALA A 112 9.85 -6.01 -2.50
C ALA A 112 10.78 -7.27 -2.60
C ACT B . -6.19 -8.85 11.54
O ACT B . -6.02 -7.74 12.03
OXT ACT B . -7.24 -9.08 10.91
CH3 ACT B . -5.14 -9.91 11.69
C ACT C . 2.22 15.95 -0.36
O ACT C . 2.30 15.02 -1.22
OXT ACT C . 3.20 16.42 0.23
CH3 ACT C . 0.91 16.53 0.04
NA NA D . 14.35 5.38 -11.91
S SO4 E . 12.73 -1.62 -13.44
O1 SO4 E . 12.06 -1.23 -12.18
O2 SO4 E . 12.26 -0.76 -14.55
O3 SO4 E . 14.21 -1.51 -13.30
O4 SO4 E . 12.41 -3.01 -13.73
#